data_6P3N
#
_entry.id   6P3N
#
_cell.length_a   104.023
_cell.length_b   104.023
_cell.length_c   82.746
_cell.angle_alpha   90.00
_cell.angle_beta   90.00
_cell.angle_gamma   120.00
#
_symmetry.space_group_name_H-M   'P 32 2 1'
#
loop_
_entity.id
_entity.type
_entity.pdbx_description
1 polymer 'tetrahydroprotoberberine N-methyltransferase'
2 non-polymer S-ADENOSYLMETHIONINE
3 water water
#
_entity_poly.entity_id   1
_entity_poly.type   'polypeptide(L)'
_entity_poly.pdbx_seq_one_letter_code
;MGSSHHHHHHGTGSYITSLYKKAGWMGSNEAQVKKESIGEIMGKLMQGEIGDEELSKRIKEIFGKRLQWGYKPTHQQQLA
FNLDFIKSLKEMDMSGEIDTMNEETYELPSAFLEAAFGKTIKQSGCYFKDETTTIDEAEEASHELYCERAQIKDGQTVLD
IGCGQGGLVLHIAQKYKNCHVTGLTNSKAQKNYILMQAEKLQLSNVDVILADVTKHESDKTYDRILVIETIEHMKNIQLF
MKKLSTWMTEDSLLFVDHICHKTFSHHFEAIDEDDWYSGFIFPKGCVTILSASALLYFQDDVTILDHWVVNGMHMARSVD
AWRKKLDKNMELAREILLPGLGSKEAVNGVITHIRTFCMGGYEQFSYNNGEEWMVAQMLFKKK
;
_entity_poly.pdbx_strand_id   A
#
loop_
_chem_comp.id
_chem_comp.type
_chem_comp.name
_chem_comp.formula
SAM non-polymer S-ADENOSYLMETHIONINE 'C15 H22 N6 O5 S'
#
# COMPACT_ATOMS: atom_id res chain seq x y z
N GLU A 36 3.43 28.94 -15.84
CA GLU A 36 3.24 28.79 -14.36
C GLU A 36 4.31 27.91 -13.73
N SER A 37 4.72 28.27 -12.51
CA SER A 37 5.76 27.56 -11.77
C SER A 37 5.17 26.50 -10.82
N ILE A 38 6.04 25.66 -10.27
CA ILE A 38 5.67 24.68 -9.23
C ILE A 38 5.07 25.39 -8.01
N GLY A 39 5.78 26.41 -7.53
CA GLY A 39 5.38 27.21 -6.37
C GLY A 39 4.02 27.88 -6.49
N GLU A 40 3.69 28.35 -7.70
CA GLU A 40 2.42 29.00 -8.00
C GLU A 40 1.23 28.03 -7.90
N ILE A 41 1.38 26.85 -8.51
CA ILE A 41 0.35 25.78 -8.43
C ILE A 41 0.22 25.29 -6.99
N MET A 42 1.37 25.09 -6.33
CA MET A 42 1.42 24.67 -4.93
C MET A 42 0.80 25.69 -3.97
N GLY A 43 0.99 26.97 -4.27
CA GLY A 43 0.39 28.07 -3.52
C GLY A 43 -1.13 28.05 -3.58
N LYS A 44 -1.66 27.91 -4.80
CA LYS A 44 -3.10 27.83 -5.05
C LYS A 44 -3.75 26.58 -4.45
N LEU A 45 -3.01 25.46 -4.49
CA LEU A 45 -3.47 24.19 -3.91
C LEU A 45 -3.66 24.28 -2.40
N MET A 46 -2.64 24.80 -1.71
CA MET A 46 -2.64 24.93 -0.25
C MET A 46 -3.67 25.94 0.25
N GLN A 47 -4.03 26.91 -0.59
CA GLN A 47 -5.06 27.90 -0.26
C GLN A 47 -6.48 27.48 -0.65
N GLY A 48 -6.59 26.28 -1.26
CA GLY A 48 -7.88 25.73 -1.68
C GLY A 48 -8.50 26.46 -2.86
N GLU A 49 -7.66 27.02 -3.72
CA GLU A 49 -8.09 27.79 -4.88
C GLU A 49 -8.27 26.94 -6.15
N ILE A 50 -7.70 25.74 -6.15
CA ILE A 50 -7.89 24.79 -7.25
C ILE A 50 -9.11 23.92 -6.93
N GLY A 51 -10.14 24.05 -7.78
CA GLY A 51 -11.35 23.22 -7.69
C GLY A 51 -11.02 21.78 -8.05
N ASP A 52 -11.87 20.86 -7.58
CA ASP A 52 -11.67 19.42 -7.78
C ASP A 52 -11.54 19.00 -9.24
N GLU A 53 -12.34 19.62 -10.11
CA GLU A 53 -12.32 19.37 -11.55
C GLU A 53 -10.94 19.66 -12.16
N GLU A 54 -10.39 20.84 -11.86
CA GLU A 54 -9.06 21.25 -12.33
C GLU A 54 -7.95 20.38 -11.73
N LEU A 55 -8.08 20.10 -10.42
CA LEU A 55 -7.09 19.28 -9.70
C LEU A 55 -6.97 17.89 -10.33
N SER A 56 -8.11 17.24 -10.53
CA SER A 56 -8.17 15.93 -11.20
C SER A 56 -7.56 15.97 -12.59
N LYS A 57 -7.92 17.00 -13.37
CA LYS A 57 -7.40 17.21 -14.72
C LYS A 57 -5.87 17.34 -14.74
N ARG A 58 -5.34 18.15 -13.83
CA ARG A 58 -3.89 18.35 -13.73
C ARG A 58 -3.15 17.06 -13.39
N ILE A 59 -3.67 16.31 -12.42
CA ILE A 59 -3.01 15.08 -11.98
C ILE A 59 -3.13 13.98 -13.05
N LYS A 60 -4.30 13.87 -13.69
CA LYS A 60 -4.47 12.94 -14.82
C LYS A 60 -3.42 13.17 -15.93
N GLU A 61 -3.18 14.44 -16.27
N GLU A 61 -3.18 14.44 -16.27
CA GLU A 61 -2.18 14.80 -17.28
CA GLU A 61 -2.19 14.82 -17.27
C GLU A 61 -0.76 14.40 -16.92
C GLU A 61 -0.78 14.38 -16.92
N ILE A 62 -0.42 14.52 -15.63
CA ILE A 62 0.87 14.09 -15.09
C ILE A 62 1.04 12.57 -15.28
N PHE A 63 0.01 11.81 -14.93
CA PHE A 63 0.05 10.35 -15.12
C PHE A 63 0.03 9.93 -16.58
N GLY A 64 -0.70 10.66 -17.41
CA GLY A 64 -0.67 10.48 -18.88
C GLY A 64 0.74 10.57 -19.45
N LYS A 65 1.52 11.56 -18.96
CA LYS A 65 2.91 11.70 -19.36
C LYS A 65 3.80 10.54 -18.90
N ARG A 66 3.49 9.98 -17.73
CA ARG A 66 4.18 8.78 -17.25
C ARG A 66 3.91 7.58 -18.17
N LEU A 67 2.69 7.45 -18.66
CA LEU A 67 2.36 6.39 -19.63
C LEU A 67 3.15 6.53 -20.92
N GLN A 68 3.30 7.77 -21.40
CA GLN A 68 4.11 8.04 -22.60
C GLN A 68 5.57 7.67 -22.39
N TRP A 69 6.06 7.93 -21.17
CA TRP A 69 7.42 7.61 -20.75
C TRP A 69 7.66 6.09 -20.70
N GLY A 70 6.64 5.34 -20.29
CA GLY A 70 6.80 3.93 -19.97
C GLY A 70 6.54 2.94 -21.11
N TYR A 71 5.58 3.27 -21.97
CA TYR A 71 5.25 2.45 -23.13
C TYR A 71 6.28 2.63 -24.26
N LYS A 72 6.78 1.51 -24.77
CA LYS A 72 7.74 1.51 -25.87
C LYS A 72 7.06 1.00 -27.16
N PRO A 73 7.60 1.37 -28.35
CA PRO A 73 6.96 1.03 -29.63
C PRO A 73 6.94 -0.44 -30.00
N THR A 74 7.86 -1.23 -29.45
CA THR A 74 7.97 -2.67 -29.73
C THR A 74 8.14 -3.43 -28.44
N HIS A 75 7.77 -4.70 -28.42
CA HIS A 75 8.02 -5.53 -27.25
C HIS A 75 9.52 -5.70 -26.99
N GLN A 76 10.30 -5.74 -28.07
CA GLN A 76 11.76 -5.73 -27.98
C GLN A 76 12.23 -4.56 -27.12
N GLN A 77 11.75 -3.35 -27.45
CA GLN A 77 12.14 -2.16 -26.69
C GLN A 77 11.53 -2.16 -25.29
N GLN A 78 10.30 -2.67 -25.17
CA GLN A 78 9.65 -2.75 -23.86
C GLN A 78 10.45 -3.60 -22.88
N LEU A 79 10.90 -4.77 -23.33
CA LEU A 79 11.69 -5.64 -22.48
C LEU A 79 13.08 -5.09 -22.16
N ALA A 80 13.68 -4.37 -23.12
CA ALA A 80 14.96 -3.71 -22.87
C ALA A 80 14.81 -2.70 -21.74
N PHE A 81 13.76 -1.89 -21.84
CA PHE A 81 13.40 -0.87 -20.85
C PHE A 81 13.12 -1.52 -19.50
N ASN A 82 12.32 -2.59 -19.50
CA ASN A 82 11.93 -3.25 -18.26
C ASN A 82 13.10 -3.93 -17.55
N LEU A 83 13.96 -4.59 -18.33
CA LEU A 83 15.11 -5.26 -17.77
C LEU A 83 16.17 -4.30 -17.25
N ASP A 84 16.29 -3.14 -17.90
CA ASP A 84 17.18 -2.08 -17.40
C ASP A 84 16.76 -1.67 -15.99
N PHE A 85 15.45 -1.53 -15.79
CA PHE A 85 14.92 -1.15 -14.48
C PHE A 85 15.17 -2.23 -13.44
N ILE A 86 14.91 -3.48 -13.81
CA ILE A 86 15.12 -4.63 -12.93
C ILE A 86 16.60 -4.74 -12.52
N LYS A 87 17.49 -4.59 -13.50
CA LYS A 87 18.93 -4.60 -13.23
C LYS A 87 19.37 -3.49 -12.29
N SER A 88 18.79 -2.29 -12.46
CA SER A 88 19.08 -1.14 -11.59
C SER A 88 18.71 -1.39 -10.13
N LEU A 89 17.58 -2.09 -9.92
CA LEU A 89 17.14 -2.47 -8.57
C LEU A 89 18.14 -3.40 -7.87
N LYS A 90 18.78 -4.27 -8.64
CA LYS A 90 19.69 -5.28 -8.09
C LYS A 90 21.08 -4.70 -7.74
N GLU A 91 21.33 -3.47 -8.18
CA GLU A 91 22.56 -2.74 -7.85
C GLU A 91 22.41 -1.85 -6.61
N MET A 92 21.17 -1.48 -6.30
CA MET A 92 20.84 -0.55 -5.21
C MET A 92 21.08 -1.13 -3.81
N ASP A 93 21.47 -0.25 -2.89
CA ASP A 93 21.78 -0.57 -1.48
C ASP A 93 22.87 -1.63 -1.33
N THR A 105 9.27 11.74 12.63
CA THR A 105 8.90 11.54 14.02
C THR A 105 7.38 11.63 14.22
N TYR A 106 6.75 12.60 13.55
CA TYR A 106 5.30 12.83 13.65
C TYR A 106 4.48 11.72 12.97
N GLU A 107 3.44 11.28 13.68
CA GLU A 107 2.44 10.36 13.15
C GLU A 107 1.04 10.88 13.41
N LEU A 108 0.13 10.59 12.48
CA LEU A 108 -1.28 10.97 12.61
C LEU A 108 -1.93 10.24 13.78
N PRO A 109 -2.67 10.98 14.64
CA PRO A 109 -3.42 10.37 15.75
C PRO A 109 -4.46 9.37 15.25
N SER A 110 -4.69 8.31 16.02
CA SER A 110 -5.61 7.24 15.64
C SER A 110 -7.05 7.74 15.38
N ALA A 111 -7.48 8.75 16.13
CA ALA A 111 -8.79 9.38 15.94
C ALA A 111 -8.97 9.99 14.55
N PHE A 112 -7.92 10.62 14.03
CA PHE A 112 -7.94 11.15 12.66
C PHE A 112 -8.02 10.01 11.65
N LEU A 113 -7.15 9.01 11.83
CA LEU A 113 -7.12 7.86 10.93
C LEU A 113 -8.48 7.15 10.85
N GLU A 114 -9.15 7.05 12.00
CA GLU A 114 -10.51 6.51 12.10
C GLU A 114 -11.56 7.36 11.37
N ALA A 115 -11.32 8.68 11.31
CA ALA A 115 -12.22 9.59 10.61
C ALA A 115 -12.07 9.60 9.08
N ALA A 116 -10.90 9.16 8.59
CA ALA A 116 -10.60 9.17 7.16
C ALA A 116 -10.69 7.79 6.49
N PHE A 117 -10.15 6.78 7.17
CA PHE A 117 -10.12 5.42 6.64
C PHE A 117 -11.31 4.58 7.11
N GLY A 118 -11.42 3.35 6.60
CA GLY A 118 -12.47 2.43 7.04
C GLY A 118 -12.26 1.91 8.45
N LYS A 119 -13.19 1.04 8.88
CA LYS A 119 -13.27 0.53 10.26
C LYS A 119 -11.94 0.01 10.83
N THR A 120 -11.22 -0.80 10.06
CA THR A 120 -9.96 -1.38 10.54
C THR A 120 -8.73 -0.57 10.11
N ILE A 121 -8.97 0.63 9.58
CA ILE A 121 -7.94 1.57 9.11
C ILE A 121 -6.97 0.88 8.12
N LYS A 122 -7.56 0.13 7.19
CA LYS A 122 -6.78 -0.52 6.13
C LYS A 122 -6.18 0.56 5.23
N GLN A 123 -4.88 0.43 4.95
CA GLN A 123 -4.13 1.43 4.20
C GLN A 123 -3.51 0.75 2.98
N SER A 124 -4.40 0.24 2.15
CA SER A 124 -4.05 -0.54 0.96
C SER A 124 -5.32 -0.69 0.15
N GLY A 125 -5.16 -1.08 -1.12
CA GLY A 125 -6.30 -1.30 -2.01
C GLY A 125 -7.26 -2.32 -1.44
N CYS A 126 -8.54 -2.02 -1.53
CA CYS A 126 -9.59 -2.89 -1.02
C CYS A 126 -10.31 -3.53 -2.20
N TYR A 127 -11.40 -4.24 -1.95
CA TYR A 127 -12.09 -4.94 -3.01
C TYR A 127 -13.58 -4.66 -2.93
N PHE A 128 -14.14 -4.12 -4.03
CA PHE A 128 -15.52 -3.64 -4.08
C PHE A 128 -16.33 -4.50 -5.05
N LYS A 129 -17.17 -5.37 -4.50
CA LYS A 129 -18.07 -6.18 -5.33
C LYS A 129 -19.06 -5.31 -6.11
N ASP A 130 -19.68 -4.35 -5.42
CA ASP A 130 -20.70 -3.47 -5.99
C ASP A 130 -20.27 -2.01 -6.00
N GLU A 131 -21.00 -1.20 -6.78
CA GLU A 131 -20.87 0.26 -6.78
C GLU A 131 -21.21 0.84 -5.40
N THR A 132 -22.11 0.16 -4.68
CA THR A 132 -22.59 0.59 -3.36
C THR A 132 -21.91 -0.13 -2.18
N THR A 133 -20.92 -0.99 -2.45
CA THR A 133 -20.10 -1.61 -1.40
C THR A 133 -19.44 -0.49 -0.59
N THR A 134 -19.58 -0.57 0.73
CA THR A 134 -18.99 0.44 1.63
C THR A 134 -17.52 0.14 1.83
N ILE A 135 -16.76 1.14 2.29
CA ILE A 135 -15.34 0.92 2.61
C ILE A 135 -15.14 -0.18 3.67
N ASP A 136 -16.00 -0.24 4.69
CA ASP A 136 -15.91 -1.30 5.70
C ASP A 136 -16.07 -2.69 5.09
N GLU A 137 -17.04 -2.82 4.18
CA GLU A 137 -17.28 -4.08 3.48
C GLU A 137 -16.11 -4.43 2.55
N ALA A 138 -15.56 -3.40 1.92
CA ALA A 138 -14.44 -3.58 1.00
C ALA A 138 -13.14 -4.00 1.69
N GLU A 139 -12.91 -3.49 2.91
CA GLU A 139 -11.81 -3.97 3.75
C GLU A 139 -11.96 -5.47 4.04
N GLU A 140 -13.14 -5.88 4.50
CA GLU A 140 -13.38 -7.28 4.85
C GLU A 140 -13.23 -8.19 3.63
N ALA A 141 -13.79 -7.75 2.49
CA ALA A 141 -13.68 -8.51 1.22
C ALA A 141 -12.21 -8.69 0.80
N SER A 142 -11.41 -7.64 0.95
N SER A 142 -11.42 -7.63 0.95
CA SER A 142 -9.99 -7.72 0.61
CA SER A 142 -9.99 -7.65 0.64
C SER A 142 -9.21 -8.63 1.57
C SER A 142 -9.22 -8.61 1.56
N HIS A 143 -9.49 -8.52 2.86
CA HIS A 143 -8.94 -9.45 3.87
C HIS A 143 -9.24 -10.92 3.51
N GLU A 144 -10.49 -11.18 3.14
N GLU A 144 -10.50 -11.18 3.15
CA GLU A 144 -10.95 -12.51 2.71
CA GLU A 144 -10.93 -12.52 2.73
C GLU A 144 -10.25 -13.00 1.44
C GLU A 144 -10.17 -12.98 1.49
N LEU A 145 -10.05 -12.10 0.49
CA LEU A 145 -9.32 -12.38 -0.74
C LEU A 145 -7.86 -12.79 -0.45
N TYR A 146 -7.20 -12.07 0.45
CA TYR A 146 -5.83 -12.45 0.85
C TYR A 146 -5.80 -13.81 1.52
N CYS A 147 -6.78 -14.10 2.38
CA CYS A 147 -6.83 -15.39 3.08
C CYS A 147 -6.97 -16.56 2.10
N GLU A 148 -7.83 -16.38 1.09
N GLU A 148 -7.83 -16.37 1.09
CA GLU A 148 -8.04 -17.38 0.05
CA GLU A 148 -8.07 -17.35 0.03
C GLU A 148 -6.77 -17.59 -0.79
C GLU A 148 -6.79 -17.57 -0.80
N ARG A 149 -6.22 -16.49 -1.29
CA ARG A 149 -5.08 -16.57 -2.21
C ARG A 149 -3.77 -16.98 -1.53
N ALA A 150 -3.60 -16.61 -0.25
CA ALA A 150 -2.44 -17.06 0.53
C ALA A 150 -2.64 -18.43 1.17
N GLN A 151 -3.80 -19.04 0.93
CA GLN A 151 -4.13 -20.39 1.41
C GLN A 151 -3.95 -20.50 2.94
N ILE A 152 -4.53 -19.53 3.65
CA ILE A 152 -4.54 -19.50 5.11
C ILE A 152 -5.45 -20.61 5.62
N LYS A 153 -4.95 -21.37 6.59
CA LYS A 153 -5.69 -22.46 7.23
C LYS A 153 -5.50 -22.37 8.73
N ASP A 154 -6.53 -22.76 9.47
CA ASP A 154 -6.48 -22.75 10.93
C ASP A 154 -5.29 -23.57 11.43
N GLY A 155 -4.60 -23.03 12.44
CA GLY A 155 -3.44 -23.68 13.03
C GLY A 155 -2.09 -23.19 12.55
N GLN A 156 -2.07 -22.44 11.45
CA GLN A 156 -0.80 -21.92 10.88
C GLN A 156 -0.22 -20.78 11.71
N THR A 157 1.10 -20.67 11.71
CA THR A 157 1.80 -19.45 12.14
C THR A 157 1.84 -18.48 10.94
N VAL A 158 1.49 -17.23 11.22
CA VAL A 158 1.31 -16.21 10.16
C VAL A 158 2.08 -14.96 10.55
N LEU A 159 2.87 -14.44 9.61
CA LEU A 159 3.59 -13.17 9.77
C LEU A 159 3.11 -12.17 8.73
N ASP A 160 2.71 -10.99 9.20
CA ASP A 160 2.27 -9.90 8.32
C ASP A 160 3.31 -8.78 8.38
N ILE A 161 4.04 -8.60 7.28
CA ILE A 161 5.16 -7.66 7.22
C ILE A 161 4.72 -6.25 6.79
N GLY A 162 4.96 -5.28 7.65
CA GLY A 162 4.45 -3.93 7.46
C GLY A 162 2.94 -3.94 7.63
N CYS A 163 2.51 -4.43 8.79
CA CYS A 163 1.09 -4.73 9.06
C CYS A 163 0.20 -3.49 9.25
N GLY A 164 0.81 -2.31 9.34
CA GLY A 164 0.07 -1.05 9.50
C GLY A 164 -0.74 -1.07 10.79
N GLN A 165 -2.01 -0.70 10.67
N GLN A 165 -2.01 -0.68 10.67
CA GLN A 165 -2.93 -0.67 11.82
CA GLN A 165 -2.95 -0.68 11.82
C GLN A 165 -3.51 -2.05 12.16
C GLN A 165 -3.47 -2.07 12.19
N GLY A 166 -3.04 -3.10 11.46
CA GLY A 166 -3.31 -4.50 11.82
C GLY A 166 -4.64 -5.13 11.46
N GLY A 167 -5.37 -4.54 10.50
CA GLY A 167 -6.67 -5.07 10.06
C GLY A 167 -6.62 -6.53 9.65
N LEU A 168 -5.60 -6.88 8.85
CA LEU A 168 -5.43 -8.25 8.39
C LEU A 168 -5.01 -9.19 9.51
N VAL A 169 -4.11 -8.72 10.38
CA VAL A 169 -3.67 -9.47 11.57
C VAL A 169 -4.90 -9.83 12.42
N LEU A 170 -5.74 -8.84 12.69
CA LEU A 170 -6.95 -9.03 13.51
C LEU A 170 -7.99 -9.91 12.82
N HIS A 171 -8.09 -9.78 11.50
CA HIS A 171 -9.02 -10.59 10.71
C HIS A 171 -8.66 -12.09 10.80
N ILE A 172 -7.39 -12.41 10.57
CA ILE A 172 -6.93 -13.80 10.61
C ILE A 172 -7.02 -14.36 12.03
N ALA A 173 -6.61 -13.56 13.02
CA ALA A 173 -6.67 -14.00 14.41
C ALA A 173 -8.09 -14.38 14.86
N GLN A 174 -9.08 -13.59 14.44
CA GLN A 174 -10.48 -13.82 14.79
C GLN A 174 -11.09 -14.99 14.01
N LYS A 175 -10.78 -15.08 12.72
CA LYS A 175 -11.34 -16.13 11.86
C LYS A 175 -10.74 -17.51 12.15
N TYR A 176 -9.47 -17.53 12.54
CA TYR A 176 -8.73 -18.78 12.72
C TYR A 176 -8.11 -18.80 14.12
N LYS A 177 -8.88 -19.30 15.09
CA LYS A 177 -8.49 -19.23 16.52
C LYS A 177 -7.22 -20.03 16.87
N ASN A 178 -6.90 -21.04 16.07
CA ASN A 178 -5.70 -21.85 16.30
C ASN A 178 -4.46 -21.35 15.55
N CYS A 179 -4.64 -20.35 14.69
CA CYS A 179 -3.52 -19.62 14.12
C CYS A 179 -2.86 -18.78 15.19
N HIS A 180 -1.54 -18.66 15.14
N HIS A 180 -1.55 -18.60 15.07
CA HIS A 180 -0.86 -17.59 15.83
CA HIS A 180 -0.82 -17.60 15.85
C HIS A 180 -0.45 -16.58 14.79
C HIS A 180 -0.27 -16.55 14.89
N VAL A 181 -0.79 -15.32 15.03
CA VAL A 181 -0.60 -14.26 14.05
C VAL A 181 0.33 -13.18 14.61
N THR A 182 1.42 -12.93 13.88
CA THR A 182 2.39 -11.90 14.26
C THR A 182 2.34 -10.77 13.23
N GLY A 183 2.13 -9.55 13.71
CA GLY A 183 2.29 -8.36 12.87
C GLY A 183 3.68 -7.78 13.10
N LEU A 184 4.31 -7.31 12.02
CA LEU A 184 5.59 -6.61 12.13
C LEU A 184 5.41 -5.22 11.57
N THR A 185 5.72 -4.23 12.39
CA THR A 185 5.63 -2.82 12.01
C THR A 185 6.79 -2.02 12.60
N ASN A 186 7.17 -0.95 11.92
CA ASN A 186 8.22 -0.05 12.38
C ASN A 186 7.70 1.11 13.24
N SER A 187 6.39 1.10 13.50
CA SER A 187 5.72 2.15 14.26
C SER A 187 5.25 1.66 15.62
N LYS A 188 5.75 2.31 16.67
CA LYS A 188 5.35 2.02 18.04
C LYS A 188 3.86 2.29 18.27
N ALA A 189 3.36 3.40 17.69
CA ALA A 189 1.93 3.75 17.74
C ALA A 189 1.05 2.65 17.15
N GLN A 190 1.50 2.10 16.02
CA GLN A 190 0.77 1.02 15.35
C GLN A 190 0.75 -0.25 16.18
N LYS A 191 1.90 -0.62 16.76
CA LYS A 191 1.99 -1.77 17.65
C LYS A 191 0.98 -1.63 18.80
N ASN A 192 1.02 -0.46 19.45
CA ASN A 192 0.12 -0.17 20.58
C ASN A 192 -1.36 -0.23 20.21
N TYR A 193 -1.69 0.29 19.02
CA TYR A 193 -3.05 0.24 18.48
C TYR A 193 -3.54 -1.20 18.30
N ILE A 194 -2.72 -2.03 17.66
CA ILE A 194 -3.04 -3.44 17.40
C ILE A 194 -3.25 -4.20 18.71
N LEU A 195 -2.34 -3.99 19.67
CA LEU A 195 -2.44 -4.71 20.95
C LEU A 195 -3.69 -4.31 21.72
N MET A 196 -4.05 -3.03 21.67
CA MET A 196 -5.30 -2.57 22.27
C MET A 196 -6.51 -3.22 21.60
N GLN A 197 -6.50 -3.24 20.27
CA GLN A 197 -7.62 -3.85 19.53
C GLN A 197 -7.75 -5.34 19.82
N ALA A 198 -6.62 -6.05 19.88
CA ALA A 198 -6.61 -7.48 20.19
C ALA A 198 -7.21 -7.74 21.59
N GLU A 199 -6.87 -6.86 22.54
CA GLU A 199 -7.42 -6.94 23.89
C GLU A 199 -8.93 -6.71 23.91
N LYS A 200 -9.39 -5.68 23.19
CA LYS A 200 -10.82 -5.37 23.10
C LYS A 200 -11.62 -6.49 22.42
N LEU A 201 -11.01 -7.14 21.43
CA LEU A 201 -11.65 -8.21 20.68
C LEU A 201 -11.50 -9.61 21.29
N GLN A 202 -10.87 -9.69 22.47
N GLN A 202 -10.92 -9.68 22.49
CA GLN A 202 -10.64 -10.95 23.18
CA GLN A 202 -10.66 -10.93 23.22
C GLN A 202 -9.81 -11.93 22.38
C GLN A 202 -9.82 -11.93 22.39
N LEU A 203 -8.81 -11.41 21.68
CA LEU A 203 -7.92 -12.22 20.86
C LEU A 203 -6.65 -12.49 21.65
N SER A 204 -6.31 -13.77 21.79
CA SER A 204 -5.18 -14.19 22.59
C SER A 204 -4.04 -14.75 21.75
N ASN A 205 -4.22 -14.69 20.43
CA ASN A 205 -3.30 -15.31 19.46
C ASN A 205 -2.55 -14.31 18.59
N VAL A 206 -2.37 -13.11 19.11
CA VAL A 206 -1.71 -12.00 18.39
C VAL A 206 -0.46 -11.56 19.13
N ASP A 207 0.63 -11.37 18.40
CA ASP A 207 1.76 -10.60 18.91
C ASP A 207 2.23 -9.62 17.83
N VAL A 208 2.95 -8.58 18.25
CA VAL A 208 3.50 -7.59 17.32
C VAL A 208 4.98 -7.42 17.57
N ILE A 209 5.75 -7.53 16.48
CA ILE A 209 7.17 -7.21 16.49
C ILE A 209 7.33 -5.75 16.04
N LEU A 210 7.99 -4.95 16.89
CA LEU A 210 8.37 -3.59 16.55
C LEU A 210 9.78 -3.61 15.97
N ALA A 211 9.88 -3.41 14.65
CA ALA A 211 11.14 -3.50 13.92
C ALA A 211 11.06 -2.85 12.55
N ASP A 212 12.21 -2.32 12.12
CA ASP A 212 12.50 -2.07 10.72
C ASP A 212 12.79 -3.46 10.14
N VAL A 213 11.96 -3.91 9.19
CA VAL A 213 12.08 -5.26 8.62
C VAL A 213 13.46 -5.52 7.98
N THR A 214 14.06 -4.46 7.45
CA THR A 214 15.38 -4.55 6.79
C THR A 214 16.52 -4.81 7.78
N LYS A 215 16.25 -4.54 9.06
CA LYS A 215 17.22 -4.72 10.15
C LYS A 215 16.87 -5.87 11.11
N HIS A 216 15.68 -6.44 10.96
CA HIS A 216 15.17 -7.49 11.84
C HIS A 216 15.90 -8.83 11.63
N GLU A 217 16.48 -9.35 12.70
CA GLU A 217 17.19 -10.63 12.67
C GLU A 217 16.52 -11.62 13.59
N SER A 218 16.16 -12.79 13.04
CA SER A 218 15.52 -13.87 13.78
C SER A 218 15.70 -15.21 13.08
N ASP A 219 15.77 -16.28 13.88
CA ASP A 219 15.79 -17.66 13.37
C ASP A 219 14.38 -18.25 13.27
N LYS A 220 13.38 -17.51 13.75
CA LYS A 220 11.98 -17.95 13.74
C LYS A 220 11.47 -18.11 12.31
N THR A 221 10.69 -19.16 12.08
CA THR A 221 10.05 -19.38 10.78
C THR A 221 8.53 -19.38 10.92
N TYR A 222 7.84 -19.15 9.80
CA TYR A 222 6.38 -19.03 9.77
C TYR A 222 5.80 -19.84 8.62
N ASP A 223 4.63 -20.43 8.83
CA ASP A 223 3.91 -21.16 7.78
C ASP A 223 3.47 -20.23 6.65
N ARG A 224 3.12 -18.99 6.99
CA ARG A 224 2.62 -18.02 6.02
C ARG A 224 3.21 -16.66 6.28
N ILE A 225 3.73 -16.05 5.23
CA ILE A 225 4.23 -14.68 5.29
C ILE A 225 3.43 -13.85 4.29
N LEU A 226 2.88 -12.74 4.79
CA LEU A 226 2.05 -11.85 3.98
C LEU A 226 2.69 -10.48 3.91
N VAL A 227 2.71 -9.89 2.71
CA VAL A 227 3.30 -8.56 2.51
C VAL A 227 2.28 -7.75 1.69
N ILE A 228 1.51 -6.91 2.38
CA ILE A 228 0.41 -6.18 1.73
C ILE A 228 0.79 -4.72 1.54
N GLU A 229 1.21 -4.43 0.31
CA GLU A 229 1.57 -3.07 -0.11
C GLU A 229 2.68 -2.43 0.75
N THR A 230 3.67 -3.27 1.07
CA THR A 230 4.84 -2.88 1.85
C THR A 230 6.11 -2.98 1.00
N ILE A 231 6.14 -3.90 0.02
CA ILE A 231 7.34 -4.10 -0.81
C ILE A 231 7.71 -2.84 -1.62
N GLU A 232 6.70 -1.99 -1.89
CA GLU A 232 6.87 -0.69 -2.55
C GLU A 232 7.84 0.22 -1.84
N HIS A 233 8.00 0.01 -0.54
CA HIS A 233 8.86 0.85 0.30
C HIS A 233 10.25 0.27 0.52
N MET A 234 10.50 -0.91 -0.06
CA MET A 234 11.78 -1.60 0.13
C MET A 234 12.84 -1.11 -0.84
N LYS A 235 13.93 -0.60 -0.27
CA LYS A 235 15.06 -0.07 -1.06
C LYS A 235 15.83 -1.18 -1.79
N ASN A 236 15.92 -2.34 -1.15
CA ASN A 236 16.65 -3.50 -1.68
C ASN A 236 15.73 -4.73 -1.71
N ILE A 237 15.11 -4.98 -2.86
CA ILE A 237 14.11 -6.04 -3.02
C ILE A 237 14.73 -7.45 -2.97
N GLN A 238 15.85 -7.64 -3.68
CA GLN A 238 16.54 -8.95 -3.70
C GLN A 238 16.94 -9.41 -2.30
N LEU A 239 17.49 -8.48 -1.51
CA LEU A 239 17.85 -8.74 -0.12
C LEU A 239 16.61 -8.98 0.74
N PHE A 240 15.54 -8.25 0.46
CA PHE A 240 14.25 -8.40 1.16
C PHE A 240 13.69 -9.80 0.95
N MET A 241 13.60 -10.24 -0.30
CA MET A 241 13.10 -11.59 -0.62
C MET A 241 13.99 -12.71 -0.04
N LYS A 242 15.30 -12.51 -0.08
CA LYS A 242 16.27 -13.42 0.55
C LYS A 242 16.00 -13.55 2.05
N LYS A 243 15.85 -12.41 2.74
CA LYS A 243 15.55 -12.39 4.16
C LYS A 243 14.26 -13.15 4.48
N LEU A 244 13.20 -12.88 3.70
CA LEU A 244 11.91 -13.57 3.89
C LEU A 244 12.03 -15.08 3.72
N SER A 245 12.84 -15.51 2.75
CA SER A 245 13.04 -16.94 2.52
C SER A 245 13.68 -17.65 3.71
N THR A 246 14.51 -16.93 4.48
CA THR A 246 15.13 -17.49 5.69
C THR A 246 14.13 -17.62 6.85
N TRP A 247 12.98 -16.98 6.73
CA TRP A 247 11.89 -17.08 7.71
C TRP A 247 10.80 -18.06 7.26
N MET A 248 11.14 -18.87 6.26
CA MET A 248 10.26 -19.88 5.70
C MET A 248 10.88 -21.26 5.85
N THR A 249 10.01 -22.27 5.97
CA THR A 249 10.41 -23.67 5.82
C THR A 249 9.95 -24.14 4.45
N GLU A 250 10.21 -25.42 4.13
CA GLU A 250 9.75 -26.04 2.88
C GLU A 250 8.22 -26.08 2.72
N ASP A 251 7.49 -25.96 3.84
CA ASP A 251 6.03 -26.00 3.86
C ASP A 251 5.39 -24.61 3.76
N SER A 252 6.22 -23.57 3.87
CA SER A 252 5.72 -22.19 3.94
C SER A 252 5.27 -21.65 2.59
N LEU A 253 4.38 -20.66 2.64
CA LEU A 253 4.04 -19.85 1.47
C LEU A 253 4.18 -18.38 1.78
N LEU A 254 4.56 -17.63 0.75
CA LEU A 254 4.73 -16.18 0.82
C LEU A 254 3.75 -15.54 -0.16
N PHE A 255 2.97 -14.59 0.34
CA PHE A 255 1.99 -13.87 -0.46
C PHE A 255 2.32 -12.39 -0.47
N VAL A 256 2.54 -11.84 -1.67
CA VAL A 256 2.87 -10.42 -1.85
C VAL A 256 1.78 -9.74 -2.66
N ASP A 257 1.31 -8.59 -2.17
CA ASP A 257 0.36 -7.74 -2.86
C ASP A 257 1.05 -6.37 -3.03
N HIS A 258 1.14 -5.87 -4.26
CA HIS A 258 1.77 -4.57 -4.49
C HIS A 258 1.10 -3.75 -5.58
N ILE A 259 1.06 -2.43 -5.41
N ILE A 259 1.11 -2.43 -5.40
CA ILE A 259 0.59 -1.55 -6.48
CA ILE A 259 0.77 -1.46 -6.44
C ILE A 259 1.57 -1.70 -7.64
C ILE A 259 1.64 -1.73 -7.66
N CYS A 260 1.04 -1.68 -8.85
CA CYS A 260 1.81 -1.93 -10.07
C CYS A 260 1.30 -1.11 -11.24
N HIS A 261 2.10 -1.08 -12.30
CA HIS A 261 1.56 -0.80 -13.63
C HIS A 261 1.59 -2.11 -14.37
N LYS A 262 0.62 -2.34 -15.25
CA LYS A 262 0.54 -3.64 -15.94
C LYS A 262 1.72 -3.97 -16.87
N THR A 263 2.42 -2.94 -17.35
CA THR A 263 3.41 -3.09 -18.43
C THR A 263 4.84 -2.74 -18.00
N PHE A 264 5.00 -1.65 -17.25
CA PHE A 264 6.33 -1.16 -16.91
C PHE A 264 6.48 -0.82 -15.44
N SER A 265 7.72 -0.64 -14.99
CA SER A 265 8.03 -0.22 -13.64
C SER A 265 8.48 1.24 -13.64
N HIS A 266 8.32 1.91 -12.49
CA HIS A 266 8.85 3.26 -12.30
C HIS A 266 8.94 3.60 -10.83
N HIS A 267 9.90 4.47 -10.49
CA HIS A 267 9.90 5.09 -9.17
C HIS A 267 8.81 6.15 -9.13
N PHE A 268 8.21 6.33 -7.96
CA PHE A 268 7.19 7.34 -7.78
C PHE A 268 7.89 8.68 -7.56
N GLU A 269 8.06 9.40 -8.66
CA GLU A 269 8.85 10.63 -8.69
C GLU A 269 8.49 11.45 -9.92
N ALA A 270 8.87 12.73 -9.91
CA ALA A 270 8.66 13.62 -11.06
C ALA A 270 9.54 13.24 -12.24
N ILE A 271 8.93 13.13 -13.43
CA ILE A 271 9.68 13.00 -14.68
C ILE A 271 10.36 14.32 -15.01
N ASP A 272 9.58 15.41 -14.93
CA ASP A 272 10.05 16.75 -15.29
C ASP A 272 9.63 17.80 -14.26
N GLU A 273 9.97 19.06 -14.56
CA GLU A 273 9.66 20.20 -13.70
C GLU A 273 8.18 20.57 -13.63
N ASP A 274 7.38 20.05 -14.57
CA ASP A 274 5.94 20.30 -14.59
C ASP A 274 5.14 19.43 -13.60
N ASP A 275 5.80 18.40 -13.06
CA ASP A 275 5.18 17.52 -12.07
C ASP A 275 5.42 18.03 -10.65
N TRP A 276 4.43 18.79 -10.15
CA TRP A 276 4.39 19.27 -8.76
C TRP A 276 3.87 18.19 -7.80
N TYR A 277 3.21 17.18 -8.36
CA TYR A 277 2.42 16.20 -7.60
C TYR A 277 3.25 15.12 -6.90
N SER A 278 4.09 14.41 -7.66
CA SER A 278 4.79 13.22 -7.17
C SER A 278 5.65 13.47 -5.92
N GLY A 279 6.45 14.53 -5.97
CA GLY A 279 7.32 14.92 -4.86
C GLY A 279 6.59 15.55 -3.68
N PHE A 280 5.38 16.05 -3.93
CA PHE A 280 4.50 16.55 -2.85
C PHE A 280 3.92 15.40 -2.03
N ILE A 281 3.51 14.34 -2.72
CA ILE A 281 2.91 13.16 -2.09
C ILE A 281 3.95 12.35 -1.32
N PHE A 282 5.05 12.00 -2.00
CA PHE A 282 6.18 11.31 -1.36
C PHE A 282 7.45 12.18 -1.51
N PRO A 283 7.78 12.98 -0.47
CA PRO A 283 8.91 13.94 -0.50
C PRO A 283 10.28 13.30 -0.70
N LYS A 284 10.43 12.05 -0.26
CA LYS A 284 11.64 11.26 -0.50
C LYS A 284 11.44 10.28 -1.66
N GLY A 285 12.54 9.75 -2.19
CA GLY A 285 12.50 8.70 -3.22
C GLY A 285 12.34 7.34 -2.58
N CYS A 286 11.18 7.10 -1.97
CA CYS A 286 10.95 5.94 -1.12
C CYS A 286 9.98 4.88 -1.69
N VAL A 287 9.22 5.25 -2.73
CA VAL A 287 8.19 4.38 -3.31
C VAL A 287 8.53 3.94 -4.74
N THR A 288 8.52 2.64 -4.97
CA THR A 288 8.74 2.05 -6.30
C THR A 288 7.45 1.34 -6.74
N ILE A 289 7.04 1.65 -7.97
CA ILE A 289 5.89 0.98 -8.59
C ILE A 289 6.43 -0.04 -9.58
N LEU A 290 6.47 -1.29 -9.13
CA LEU A 290 6.90 -2.40 -9.98
C LEU A 290 5.86 -2.69 -11.05
N SER A 291 6.31 -3.19 -12.19
CA SER A 291 5.37 -3.72 -13.19
C SER A 291 4.67 -4.95 -12.60
N ALA A 292 3.55 -5.34 -13.20
CA ALA A 292 2.81 -6.53 -12.77
C ALA A 292 3.63 -7.83 -12.79
N SER A 293 4.71 -7.85 -13.58
N SER A 293 4.71 -7.85 -13.58
CA SER A 293 5.57 -9.03 -13.72
CA SER A 293 5.57 -9.04 -13.69
C SER A 293 6.98 -8.90 -13.11
C SER A 293 7.00 -8.88 -13.17
N ALA A 294 7.32 -7.71 -12.61
CA ALA A 294 8.69 -7.43 -12.11
C ALA A 294 9.22 -8.43 -11.08
N LEU A 295 8.35 -8.85 -10.15
CA LEU A 295 8.79 -9.80 -9.12
C LEU A 295 9.10 -11.21 -9.62
N LEU A 296 8.66 -11.54 -10.83
CA LEU A 296 9.05 -12.80 -11.47
C LEU A 296 10.56 -12.89 -11.71
N TYR A 297 11.23 -11.75 -11.71
CA TYR A 297 12.68 -11.68 -11.90
C TYR A 297 13.44 -11.68 -10.56
N PHE A 298 12.69 -11.85 -9.46
CA PHE A 298 13.28 -11.90 -8.13
C PHE A 298 13.03 -13.25 -7.46
N GLN A 299 13.34 -14.31 -8.21
CA GLN A 299 13.15 -15.69 -7.78
C GLN A 299 14.48 -16.41 -7.47
N ASP A 300 15.46 -15.68 -6.95
CA ASP A 300 16.73 -16.28 -6.50
C ASP A 300 16.50 -17.24 -5.33
N ASP A 301 15.56 -16.87 -4.45
CA ASP A 301 15.41 -17.52 -3.15
C ASP A 301 14.00 -18.06 -2.88
N VAL A 302 13.05 -17.64 -3.72
CA VAL A 302 11.67 -18.12 -3.69
C VAL A 302 11.23 -18.51 -5.11
N THR A 303 10.20 -19.33 -5.22
CA THR A 303 9.69 -19.78 -6.52
C THR A 303 8.21 -19.48 -6.63
N ILE A 304 7.81 -18.91 -7.76
CA ILE A 304 6.41 -18.55 -8.01
C ILE A 304 5.49 -19.79 -8.16
N LEU A 305 4.30 -19.70 -7.55
CA LEU A 305 3.25 -20.70 -7.67
C LEU A 305 2.00 -20.16 -8.35
N ASP A 306 1.67 -18.90 -8.08
CA ASP A 306 0.53 -18.26 -8.73
C ASP A 306 0.72 -16.76 -8.79
N HIS A 307 -0.08 -16.12 -9.65
CA HIS A 307 0.10 -14.73 -10.04
C HIS A 307 -1.25 -14.20 -10.50
N TRP A 308 -1.64 -13.05 -9.94
CA TRP A 308 -2.89 -12.39 -10.26
C TRP A 308 -2.69 -10.87 -10.35
N VAL A 309 -3.62 -10.18 -11.01
CA VAL A 309 -3.82 -8.75 -10.77
C VAL A 309 -5.28 -8.47 -10.45
N VAL A 310 -5.48 -7.42 -9.67
CA VAL A 310 -6.80 -6.88 -9.36
C VAL A 310 -6.88 -5.53 -10.06
N ASN A 311 -7.88 -5.37 -10.92
CA ASN A 311 -8.11 -4.16 -11.70
C ASN A 311 -8.11 -2.88 -10.84
N GLY A 312 -7.53 -1.82 -11.38
CA GLY A 312 -7.31 -0.56 -10.64
C GLY A 312 -8.54 0.15 -10.12
N MET A 313 -9.73 -0.17 -10.64
CA MET A 313 -10.96 0.48 -10.14
C MET A 313 -11.22 0.16 -8.67
N HIS A 314 -10.76 -1.00 -8.21
CA HIS A 314 -10.85 -1.34 -6.78
C HIS A 314 -10.03 -0.39 -5.92
N MET A 315 -8.78 -0.13 -6.33
CA MET A 315 -7.97 0.89 -5.67
C MET A 315 -8.60 2.28 -5.79
N ALA A 316 -9.09 2.61 -6.99
CA ALA A 316 -9.75 3.90 -7.25
C ALA A 316 -10.92 4.12 -6.29
N ARG A 317 -11.76 3.10 -6.14
CA ARG A 317 -12.90 3.15 -5.22
C ARG A 317 -12.47 3.24 -3.76
N SER A 318 -11.30 2.67 -3.45
CA SER A 318 -10.73 2.74 -2.09
C SER A 318 -10.35 4.16 -1.72
N VAL A 319 -9.55 4.81 -2.58
CA VAL A 319 -9.09 6.19 -2.31
C VAL A 319 -10.26 7.20 -2.39
N ASP A 320 -11.23 6.92 -3.26
CA ASP A 320 -12.44 7.72 -3.36
C ASP A 320 -13.23 7.68 -2.06
N ALA A 321 -13.38 6.47 -1.49
CA ALA A 321 -14.08 6.28 -0.22
C ALA A 321 -13.38 7.03 0.93
N TRP A 322 -12.05 6.99 0.95
CA TRP A 322 -11.27 7.73 1.96
C TRP A 322 -11.42 9.23 1.81
N ARG A 323 -11.40 9.70 0.56
CA ARG A 323 -11.54 11.12 0.24
C ARG A 323 -12.90 11.63 0.70
N LYS A 324 -13.95 10.89 0.36
CA LYS A 324 -15.33 11.25 0.70
C LYS A 324 -15.58 11.22 2.21
N LYS A 325 -15.02 10.23 2.90
CA LYS A 325 -15.13 10.12 4.35
C LYS A 325 -14.40 11.26 5.07
N LEU A 326 -13.20 11.59 4.60
CA LEU A 326 -12.45 12.74 5.11
C LEU A 326 -13.23 14.06 4.93
N ASP A 327 -13.80 14.25 3.74
CA ASP A 327 -14.63 15.43 3.42
C ASP A 327 -15.85 15.55 4.32
N LYS A 328 -16.50 14.42 4.59
CA LYS A 328 -17.66 14.35 5.51
C LYS A 328 -17.26 14.71 6.93
N ASN A 329 -16.11 14.21 7.37
CA ASN A 329 -15.60 14.43 8.72
C ASN A 329 -14.55 15.55 8.82
N MET A 330 -14.64 16.51 7.89
CA MET A 330 -13.66 17.59 7.77
C MET A 330 -13.51 18.44 9.03
N GLU A 331 -14.63 18.90 9.59
CA GLU A 331 -14.64 19.70 10.82
C GLU A 331 -14.00 18.93 11.98
N LEU A 332 -14.44 17.69 12.18
CA LEU A 332 -13.92 16.79 13.21
C LEU A 332 -12.42 16.52 13.04
N ALA A 333 -11.99 16.27 11.80
CA ALA A 333 -10.58 16.03 11.47
C ALA A 333 -9.68 17.22 11.84
N ARG A 334 -10.15 18.42 11.54
CA ARG A 334 -9.45 19.67 11.87
C ARG A 334 -9.28 19.85 13.38
N GLU A 335 -10.31 19.49 14.13
CA GLU A 335 -10.29 19.54 15.61
C GLU A 335 -9.31 18.53 16.20
N ILE A 336 -9.33 17.30 15.68
CA ILE A 336 -8.43 16.22 16.14
C ILE A 336 -6.96 16.61 15.94
N LEU A 337 -6.64 17.16 14.76
CA LEU A 337 -5.25 17.43 14.37
C LEU A 337 -4.62 18.67 15.02
N LEU A 338 -5.46 19.60 15.47
CA LEU A 338 -5.01 20.90 15.99
C LEU A 338 -4.02 20.89 17.17
N PRO A 339 -4.28 20.10 18.25
CA PRO A 339 -3.33 20.08 19.38
C PRO A 339 -1.93 19.55 19.01
N GLY A 340 -1.87 18.52 18.18
CA GLY A 340 -0.61 17.88 17.80
C GLY A 340 0.20 18.61 16.74
N LEU A 341 -0.46 19.51 15.99
CA LEU A 341 0.19 20.24 14.90
C LEU A 341 0.48 21.72 15.20
N GLY A 342 -0.20 22.28 16.20
CA GLY A 342 0.13 23.60 16.73
C GLY A 342 -0.62 24.79 16.14
N SER A 343 -0.98 24.69 14.86
CA SER A 343 -1.69 25.78 14.17
C SER A 343 -2.67 25.23 13.12
N LYS A 344 -3.71 26.02 12.84
CA LYS A 344 -4.71 25.72 11.79
C LYS A 344 -4.09 25.57 10.40
N GLU A 345 -3.02 26.33 10.15
CA GLU A 345 -2.28 26.31 8.88
C GLU A 345 -1.53 24.99 8.68
N ALA A 346 -0.93 24.48 9.75
CA ALA A 346 -0.26 23.17 9.74
C ALA A 346 -1.27 22.03 9.56
N VAL A 347 -2.45 22.19 10.14
CA VAL A 347 -3.58 21.25 10.00
C VAL A 347 -4.07 21.21 8.55
N ASN A 348 -4.31 22.39 7.99
CA ASN A 348 -4.71 22.54 6.58
C ASN A 348 -3.73 21.86 5.61
N GLY A 349 -2.43 22.01 5.89
CA GLY A 349 -1.37 21.42 5.08
C GLY A 349 -1.38 19.90 5.06
N VAL A 350 -1.55 19.31 6.24
CA VAL A 350 -1.62 17.85 6.42
C VAL A 350 -2.88 17.28 5.72
N ILE A 351 -4.00 17.96 5.90
CA ILE A 351 -5.28 17.58 5.26
C ILE A 351 -5.19 17.69 3.73
N THR A 352 -4.63 18.80 3.24
CA THR A 352 -4.42 19.01 1.80
C THR A 352 -3.58 17.88 1.20
N HIS A 353 -2.51 17.50 1.90
CA HIS A 353 -1.62 16.40 1.49
C HIS A 353 -2.35 15.07 1.33
N ILE A 354 -3.12 14.67 2.34
CA ILE A 354 -3.86 13.41 2.35
C ILE A 354 -5.02 13.43 1.33
N ARG A 355 -5.73 14.55 1.26
CA ARG A 355 -6.83 14.70 0.32
C ARG A 355 -6.35 14.64 -1.14
N THR A 356 -5.24 15.33 -1.41
CA THR A 356 -4.63 15.35 -2.76
C THR A 356 -4.11 13.97 -3.13
N PHE A 357 -3.52 13.25 -2.16
CA PHE A 357 -3.12 11.84 -2.32
C PHE A 357 -4.28 10.98 -2.85
N CYS A 358 -5.46 11.16 -2.25
CA CYS A 358 -6.67 10.45 -2.67
C CYS A 358 -7.16 10.88 -4.06
N MET A 359 -7.19 12.19 -4.31
CA MET A 359 -7.61 12.74 -5.60
C MET A 359 -6.70 12.28 -6.74
N GLY A 360 -5.39 12.31 -6.48
CA GLY A 360 -4.39 11.87 -7.45
C GLY A 360 -4.41 10.37 -7.65
N GLY A 361 -4.51 9.63 -6.55
CA GLY A 361 -4.67 8.18 -6.57
C GLY A 361 -5.87 7.75 -7.41
N TYR A 362 -6.97 8.50 -7.31
CA TYR A 362 -8.15 8.21 -8.11
C TYR A 362 -7.84 8.27 -9.60
N GLU A 363 -7.18 9.35 -10.03
CA GLU A 363 -6.81 9.53 -11.44
C GLU A 363 -5.85 8.46 -11.93
N GLN A 364 -4.88 8.13 -11.08
CA GLN A 364 -3.88 7.10 -11.40
C GLN A 364 -4.53 5.73 -11.61
N PHE A 365 -5.33 5.29 -10.64
CA PHE A 365 -5.83 3.93 -10.69
C PHE A 365 -7.08 3.75 -11.54
N SER A 366 -7.88 4.81 -11.73
CA SER A 366 -9.04 4.74 -12.61
C SER A 366 -8.69 4.92 -14.09
N TYR A 367 -7.44 5.29 -14.38
CA TYR A 367 -6.99 5.57 -15.75
C TYR A 367 -7.35 4.39 -16.66
N ASN A 368 -8.00 4.67 -17.78
CA ASN A 368 -8.46 3.63 -18.71
C ASN A 368 -9.22 2.47 -18.04
N ASN A 369 -10.20 2.83 -17.20
CA ASN A 369 -11.06 1.88 -16.50
C ASN A 369 -10.27 0.82 -15.69
N GLY A 370 -9.21 1.28 -15.05
CA GLY A 370 -8.42 0.42 -14.16
C GLY A 370 -7.38 -0.44 -14.84
N GLU A 371 -7.13 -0.17 -16.13
CA GLU A 371 -6.26 -1.02 -16.93
C GLU A 371 -4.86 -0.46 -17.18
N GLU A 372 -4.41 0.44 -16.30
CA GLU A 372 -3.04 0.94 -16.33
C GLU A 372 -2.35 0.62 -15.01
N TRP A 373 -2.63 1.42 -13.99
CA TRP A 373 -2.18 1.13 -12.64
C TRP A 373 -3.22 0.30 -11.91
N MET A 374 -2.74 -0.73 -11.22
CA MET A 374 -3.60 -1.72 -10.57
C MET A 374 -2.83 -2.38 -9.43
N VAL A 375 -3.30 -3.53 -8.97
CA VAL A 375 -2.67 -4.25 -7.87
C VAL A 375 -2.22 -5.61 -8.36
N ALA A 376 -0.95 -5.95 -8.13
CA ALA A 376 -0.41 -7.28 -8.46
C ALA A 376 -0.35 -8.13 -7.20
N GLN A 377 -0.61 -9.43 -7.38
CA GLN A 377 -0.50 -10.37 -6.27
C GLN A 377 0.26 -11.60 -6.73
N MET A 378 1.13 -12.11 -5.86
CA MET A 378 1.93 -13.30 -6.18
C MET A 378 2.05 -14.21 -4.99
N LEU A 379 2.06 -15.51 -5.27
CA LEU A 379 2.22 -16.55 -4.26
C LEU A 379 3.51 -17.31 -4.55
N PHE A 380 4.37 -17.44 -3.54
CA PHE A 380 5.66 -18.12 -3.67
C PHE A 380 5.84 -19.21 -2.63
N LYS A 381 6.67 -20.21 -2.97
CA LYS A 381 7.26 -21.10 -1.97
C LYS A 381 8.77 -20.83 -1.90
N LYS A 382 9.41 -21.34 -0.86
CA LYS A 382 10.87 -21.28 -0.73
C LYS A 382 11.50 -22.18 -1.78
N LYS A 383 12.68 -21.80 -2.27
CA LYS A 383 13.41 -22.57 -3.29
C LYS A 383 13.61 -24.05 -2.98
N SAM B . -0.19 -3.82 5.22
CA SAM B . -0.87 -2.64 5.76
C SAM B . -2.25 -2.48 5.14
O SAM B . -2.55 -3.20 4.16
OXT SAM B . -3.05 -1.64 5.61
CB SAM B . -0.02 -1.37 5.63
CG SAM B . 0.27 -0.95 4.18
SD SAM B . 1.14 0.49 4.08
CE SAM B . 0.80 1.16 2.60
C5' SAM B . 2.78 0.17 4.07
C4' SAM B . 3.33 -0.12 5.47
O4' SAM B . 4.69 -0.59 5.44
C3' SAM B . 3.31 1.13 6.34
O3' SAM B . 2.57 0.81 7.51
C2' SAM B . 4.78 1.39 6.64
O2' SAM B . 4.98 1.98 7.92
C1' SAM B . 5.35 -0.01 6.56
N9 SAM B . 6.82 -0.03 6.42
C8 SAM B . 7.55 0.68 5.53
N7 SAM B . 8.87 0.42 5.68
C5 SAM B . 9.00 -0.48 6.66
C6 SAM B . 10.13 -1.18 7.32
N6 SAM B . 11.40 -0.96 6.90
N1 SAM B . 9.84 -2.06 8.33
C2 SAM B . 8.57 -2.29 8.74
N3 SAM B . 7.51 -1.67 8.17
C4 SAM B . 7.65 -0.78 7.16
#